data_6VAG
#
_entry.id   6VAG
#
_cell.length_a   29.893
_cell.length_b   36.048
_cell.length_c   140.016
_cell.angle_alpha   90.000
_cell.angle_beta   90.000
_cell.angle_gamma   90.000
#
_symmetry.space_group_name_H-M   'P 21 21 2'
#
loop_
_entity.id
_entity.type
_entity.pdbx_description
1 polymer Phosphoprotein
2 non-polymer GLYCEROL
3 water water
#
_entity_poly.entity_id   1
_entity_poly.type   'polypeptide(L)'
_entity_poly.pdbx_seq_one_letter_code
;IEGSTQSDGWEMKSRSLSGAIHPVLQSPLQQGDLNALVTSVQSLALNVNEILNTVRNLDSRMNQLETKVDRILSSQSLIQ
TIKNDIVGLKAGMATLEGMITTVKIMD
;
_entity_poly.pdbx_strand_id   A,B
#
loop_
_chem_comp.id
_chem_comp.type
_chem_comp.name
_chem_comp.formula
GOL non-polymer GLYCEROL 'C3 H8 O3'
#
# COMPACT_ATOMS: atom_id res chain seq x y z
N SER A 27 -39.94 18.01 -31.13
CA SER A 27 -39.91 16.66 -31.67
C SER A 27 -40.36 15.67 -30.61
N PRO A 28 -41.32 14.82 -30.96
CA PRO A 28 -41.78 13.82 -29.99
C PRO A 28 -40.65 12.89 -29.58
N LEU A 29 -40.64 12.54 -28.29
CA LEU A 29 -39.69 11.55 -27.79
C LEU A 29 -39.97 10.21 -28.44
N GLN A 30 -38.91 9.51 -28.86
CA GLN A 30 -39.02 8.24 -29.56
C GLN A 30 -38.26 7.15 -28.81
N GLN A 31 -38.59 5.89 -29.10
CA GLN A 31 -37.86 4.79 -28.48
C GLN A 31 -36.36 4.90 -28.73
N GLY A 32 -35.96 5.34 -29.93
CA GLY A 32 -34.54 5.47 -30.23
C GLY A 32 -33.82 6.44 -29.30
N ASP A 33 -34.53 7.45 -28.79
CA ASP A 33 -33.94 8.36 -27.80
C ASP A 33 -33.63 7.65 -26.49
N LEU A 34 -34.53 6.78 -26.03
CA LEU A 34 -34.25 5.99 -24.83
C LEU A 34 -33.14 4.99 -25.10
N ASN A 35 -33.16 4.35 -26.27
CA ASN A 35 -32.15 3.36 -26.61
C ASN A 35 -30.76 3.98 -26.65
N ALA A 36 -30.66 5.24 -27.09
CA ALA A 36 -29.38 5.93 -27.11
C ALA A 36 -28.80 6.04 -25.70
N LEU A 37 -29.65 6.35 -24.71
CA LEU A 37 -29.19 6.42 -23.33
C LEU A 37 -28.79 5.05 -22.80
N VAL A 38 -29.52 3.99 -23.16
CA VAL A 38 -29.12 2.64 -22.76
C VAL A 38 -27.69 2.34 -23.23
N THR A 39 -27.42 2.55 -24.51
CA THR A 39 -26.08 2.25 -25.01
C THR A 39 -25.03 3.13 -24.35
N SER A 40 -25.35 4.41 -24.09
CA SER A 40 -24.42 5.28 -23.37
CA SER A 40 -24.40 5.27 -23.38
C SER A 40 -24.09 4.73 -21.99
N VAL A 41 -25.13 4.27 -21.26
CA VAL A 41 -24.91 3.73 -19.92
C VAL A 41 -24.11 2.44 -19.99
N GLN A 42 -24.40 1.57 -20.96
CA GLN A 42 -23.67 0.32 -21.10
C GLN A 42 -22.22 0.57 -21.51
N SER A 43 -21.96 1.63 -22.28
CA SER A 43 -20.59 2.00 -22.61
C SER A 43 -19.86 2.49 -21.36
N LEU A 44 -20.53 3.34 -20.59
CA LEU A 44 -19.98 3.78 -19.30
C LEU A 44 -19.69 2.59 -18.38
N ALA A 45 -20.55 1.57 -18.41
CA ALA A 45 -20.36 0.37 -17.60
C ALA A 45 -19.04 -0.34 -17.91
N LEU A 46 -18.57 -0.29 -19.15
CA LEU A 46 -17.27 -0.89 -19.46
C LEU A 46 -16.13 -0.15 -18.75
N ASN A 47 -16.23 1.18 -18.66
CA ASN A 47 -15.22 1.93 -17.90
C ASN A 47 -15.30 1.60 -16.42
N VAL A 48 -16.52 1.54 -15.86
CA VAL A 48 -16.72 1.10 -14.49
C VAL A 48 -16.11 -0.28 -14.26
N ASN A 49 -16.31 -1.20 -15.22
N ASN A 49 -16.27 -1.19 -15.23
CA ASN A 49 -15.73 -2.53 -15.12
CA ASN A 49 -15.73 -2.53 -15.08
C ASN A 49 -14.22 -2.44 -14.95
C ASN A 49 -14.20 -2.52 -15.01
N GLU A 50 -13.55 -1.70 -15.83
CA GLU A 50 -12.10 -1.58 -15.74
C GLU A 50 -11.68 -1.03 -14.39
N ILE A 51 -12.38 0.00 -13.89
CA ILE A 51 -12.06 0.52 -12.57
C ILE A 51 -12.16 -0.57 -11.52
N LEU A 52 -13.26 -1.32 -11.52
CA LEU A 52 -13.48 -2.35 -10.51
C LEU A 52 -12.40 -3.42 -10.57
N ASN A 53 -12.09 -3.91 -11.78
CA ASN A 53 -11.03 -4.90 -11.90
C ASN A 53 -9.72 -4.35 -11.36
N THR A 54 -9.41 -3.10 -11.67
CA THR A 54 -8.13 -2.54 -11.25
C THR A 54 -8.08 -2.31 -9.74
N VAL A 55 -9.15 -1.79 -9.12
CA VAL A 55 -9.10 -1.59 -7.67
C VAL A 55 -9.05 -2.92 -6.91
N ARG A 56 -9.72 -3.97 -7.42
CA ARG A 56 -9.56 -5.28 -6.80
C ARG A 56 -8.12 -5.77 -6.88
N ASN A 57 -7.48 -5.57 -8.04
CA ASN A 57 -6.09 -5.96 -8.20
C ASN A 57 -5.20 -5.15 -7.24
N LEU A 58 -5.46 -3.85 -7.13
CA LEU A 58 -4.72 -3.03 -6.17
C LEU A 58 -4.89 -3.52 -4.74
N ASP A 59 -6.10 -3.97 -4.39
CA ASP A 59 -6.38 -4.47 -3.05
C ASP A 59 -5.52 -5.70 -2.76
N SER A 60 -5.47 -6.65 -3.71
N SER A 60 -5.47 -6.64 -3.70
CA SER A 60 -4.63 -7.82 -3.55
CA SER A 60 -4.62 -7.81 -3.51
C SER A 60 -3.15 -7.43 -3.44
C SER A 60 -3.15 -7.39 -3.40
N ARG A 61 -2.71 -6.49 -4.28
CA ARG A 61 -1.31 -6.12 -4.30
C ARG A 61 -0.91 -5.33 -3.06
N MET A 62 -1.81 -4.52 -2.50
CA MET A 62 -1.48 -3.83 -1.27
C MET A 62 -1.40 -4.79 -0.10
N ASN A 63 -2.23 -5.84 -0.11
CA ASN A 63 -2.13 -6.88 0.90
C ASN A 63 -0.76 -7.55 0.84
N GLN A 64 -0.31 -7.93 -0.37
CA GLN A 64 1.00 -8.54 -0.52
C GLN A 64 2.10 -7.57 -0.10
N LEU A 65 1.96 -6.29 -0.47
CA LEU A 65 2.95 -5.30 -0.10
C LEU A 65 3.08 -5.20 1.41
N GLU A 66 1.96 -5.21 2.12
CA GLU A 66 2.01 -5.13 3.58
C GLU A 66 2.75 -6.31 4.18
N THR A 67 2.55 -7.51 3.61
CA THR A 67 3.27 -8.67 4.09
C THR A 67 4.77 -8.49 3.96
N LYS A 68 5.22 -7.94 2.83
CA LYS A 68 6.65 -7.70 2.66
C LYS A 68 7.14 -6.60 3.58
N VAL A 69 6.34 -5.58 3.81
CA VAL A 69 6.69 -4.53 4.76
C VAL A 69 6.83 -5.11 6.16
N ASP A 70 5.96 -6.07 6.50
CA ASP A 70 6.07 -6.78 7.77
C ASP A 70 7.42 -7.48 7.89
N ARG A 71 7.84 -8.16 6.82
CA ARG A 71 9.12 -8.85 6.85
C ARG A 71 10.28 -7.88 7.04
N ILE A 72 10.21 -6.71 6.39
CA ILE A 72 11.24 -5.69 6.59
C ILE A 72 11.24 -5.22 8.04
N LEU A 73 10.05 -5.02 8.61
CA LEU A 73 9.95 -4.55 9.99
C LEU A 73 10.58 -5.54 10.96
N SER A 74 10.34 -6.83 10.75
CA SER A 74 10.88 -7.83 11.66
C SER A 74 12.41 -7.77 11.69
N SER A 75 13.05 -7.53 10.55
CA SER A 75 14.50 -7.45 10.55
C SER A 75 14.99 -6.15 11.19
N GLN A 76 14.16 -5.13 11.22
CA GLN A 76 14.63 -3.80 11.63
C GLN A 76 15.17 -3.79 13.05
N SER A 77 14.54 -4.54 13.97
CA SER A 77 15.03 -4.57 15.34
C SER A 77 16.16 -5.56 15.55
N LEU A 78 16.35 -6.49 14.60
CA LEU A 78 17.65 -7.17 14.53
C LEU A 78 18.77 -6.15 14.40
N ILE A 79 18.48 -5.02 13.77
CA ILE A 79 19.39 -3.89 13.78
C ILE A 79 19.60 -3.39 15.20
N GLN A 80 18.53 -3.36 16.00
CA GLN A 80 18.67 -2.92 17.39
C GLN A 80 19.65 -3.78 18.16
N THR A 81 19.58 -5.11 17.95
CA THR A 81 20.55 -6.00 18.55
C THR A 81 21.96 -5.74 18.01
N ILE A 82 22.09 -5.54 16.70
CA ILE A 82 23.38 -5.19 16.12
C ILE A 82 23.95 -3.97 16.80
N LYS A 83 23.12 -2.93 16.96
CA LYS A 83 23.56 -1.72 17.66
C LYS A 83 24.04 -2.05 19.07
N ASN A 84 23.39 -3.01 19.73
CA ASN A 84 23.80 -3.39 21.08
C ASN A 84 25.12 -4.15 21.04
N ASP A 85 25.22 -5.16 20.16
CA ASP A 85 26.48 -5.91 20.05
C ASP A 85 27.64 -4.98 19.74
N ILE A 86 27.42 -3.98 18.89
CA ILE A 86 28.50 -3.06 18.51
C ILE A 86 28.90 -2.21 19.70
N VAL A 87 27.93 -1.71 20.47
CA VAL A 87 28.26 -0.99 21.70
C VAL A 87 29.08 -1.87 22.64
N GLY A 88 28.72 -3.15 22.74
CA GLY A 88 29.49 -4.06 23.56
C GLY A 88 30.91 -4.23 23.06
N LEU A 89 31.07 -4.38 21.74
CA LEU A 89 32.41 -4.44 21.16
C LEU A 89 33.20 -3.17 21.46
N LYS A 90 32.51 -2.03 21.51
CA LYS A 90 33.17 -0.76 21.82
C LYS A 90 33.75 -0.77 23.24
N ALA A 91 32.91 -1.10 24.24
CA ALA A 91 33.40 -1.16 25.61
C ALA A 91 34.50 -2.20 25.75
N GLY A 92 34.43 -3.29 25.00
CA GLY A 92 35.49 -4.28 25.07
C GLY A 92 36.81 -3.75 24.55
N MET A 93 36.80 -3.21 23.33
CA MET A 93 38.05 -2.73 22.73
C MET A 93 38.70 -1.67 23.61
N ALA A 94 37.90 -0.85 24.28
CA ALA A 94 38.44 0.07 25.27
C ALA A 94 39.10 -0.70 26.41
N THR A 95 38.49 -1.83 26.80
CA THR A 95 39.07 -2.66 27.85
C THR A 95 40.44 -3.18 27.43
N LEU A 96 40.56 -3.64 26.18
CA LEU A 96 41.87 -4.08 25.69
C LEU A 96 42.89 -2.97 25.78
N GLU A 97 42.55 -1.78 25.28
CA GLU A 97 43.48 -0.66 25.36
C GLU A 97 43.79 -0.29 26.81
N GLY A 98 42.77 -0.30 27.67
CA GLY A 98 42.99 0.03 29.06
C GLY A 98 43.94 -0.94 29.75
N MET A 99 43.77 -2.23 29.47
CA MET A 99 44.69 -3.22 30.03
C MET A 99 46.10 -3.03 29.47
N ILE A 100 46.21 -2.58 28.23
CA ILE A 100 47.50 -2.25 27.65
C ILE A 100 48.33 -3.51 27.40
N PRO B 28 -47.39 6.07 -28.73
CA PRO B 28 -47.16 6.59 -27.37
C PRO B 28 -46.27 5.66 -26.55
N LEU B 29 -45.14 6.20 -26.11
CA LEU B 29 -44.24 5.41 -25.29
C LEU B 29 -44.94 4.94 -24.02
N GLN B 30 -44.60 3.74 -23.57
CA GLN B 30 -45.16 3.10 -22.40
C GLN B 30 -44.10 3.00 -21.32
N GLN B 31 -44.54 2.82 -20.07
CA GLN B 31 -43.59 2.67 -18.97
C GLN B 31 -42.57 1.57 -19.27
N GLY B 32 -43.03 0.45 -19.83
CA GLY B 32 -42.13 -0.66 -20.12
C GLY B 32 -41.04 -0.33 -21.12
N ASP B 33 -41.23 0.72 -21.92
CA ASP B 33 -40.19 1.13 -22.86
C ASP B 33 -38.96 1.66 -22.16
N LEU B 34 -39.06 2.01 -20.87
CA LEU B 34 -37.94 2.49 -20.08
C LEU B 34 -37.22 1.38 -19.34
N ASN B 35 -37.73 0.14 -19.39
CA ASN B 35 -37.18 -0.92 -18.55
C ASN B 35 -35.70 -1.14 -18.80
N ALA B 36 -35.27 -1.18 -20.07
CA ALA B 36 -33.86 -1.47 -20.33
C ALA B 36 -32.97 -0.41 -19.71
N LEU B 37 -33.39 0.86 -19.77
CA LEU B 37 -32.60 1.93 -19.16
C LEU B 37 -32.57 1.81 -17.65
N VAL B 38 -33.72 1.50 -17.02
CA VAL B 38 -33.76 1.33 -15.57
C VAL B 38 -32.80 0.22 -15.15
N THR B 39 -32.86 -0.93 -15.84
CA THR B 39 -31.98 -2.05 -15.50
C THR B 39 -30.51 -1.68 -15.69
N SER B 40 -30.20 -0.98 -16.79
N SER B 40 -30.19 -0.96 -16.77
CA SER B 40 -28.80 -0.58 -17.03
CA SER B 40 -28.80 -0.60 -17.01
C SER B 40 -28.27 0.30 -15.89
C SER B 40 -28.26 0.31 -15.91
N VAL B 41 -29.09 1.22 -15.40
CA VAL B 41 -28.67 2.09 -14.30
C VAL B 41 -28.54 1.30 -13.00
N GLN B 42 -29.46 0.36 -12.74
CA GLN B 42 -29.35 -0.52 -11.57
C GLN B 42 -28.03 -1.29 -11.59
N SER B 43 -27.67 -1.84 -12.75
CA SER B 43 -26.42 -2.58 -12.83
C SER B 43 -25.23 -1.66 -12.63
N LEU B 44 -25.24 -0.48 -13.25
CA LEU B 44 -24.16 0.48 -13.02
C LEU B 44 -24.02 0.78 -11.54
N ALA B 45 -25.13 0.97 -10.85
CA ALA B 45 -25.10 1.31 -9.43
C ALA B 45 -24.53 0.18 -8.59
N LEU B 46 -24.90 -1.08 -8.91
CA LEU B 46 -24.35 -2.23 -8.21
CA LEU B 46 -24.35 -2.23 -8.19
C LEU B 46 -22.83 -2.29 -8.34
N ASN B 47 -22.33 -2.07 -9.56
CA ASN B 47 -20.89 -2.17 -9.80
C ASN B 47 -20.14 -0.98 -9.18
N VAL B 48 -20.71 0.23 -9.27
CA VAL B 48 -20.13 1.37 -8.58
C VAL B 48 -20.08 1.13 -7.07
N ASN B 49 -21.11 0.51 -6.50
CA ASN B 49 -21.11 0.23 -5.07
CA ASN B 49 -21.10 0.23 -5.07
C ASN B 49 -19.96 -0.71 -4.69
N GLU B 50 -19.65 -1.67 -5.55
CA GLU B 50 -18.54 -2.58 -5.27
C GLU B 50 -17.20 -1.86 -5.40
N ILE B 51 -17.07 -0.93 -6.36
CA ILE B 51 -15.87 -0.09 -6.37
C ILE B 51 -15.73 0.66 -5.05
N LEU B 52 -16.82 1.28 -4.59
CA LEU B 52 -16.80 2.02 -3.33
C LEU B 52 -16.32 1.14 -2.18
N ASN B 53 -16.89 -0.06 -2.06
CA ASN B 53 -16.47 -0.97 -1.01
C ASN B 53 -14.97 -1.23 -1.10
N THR B 54 -14.45 -1.44 -2.31
CA THR B 54 -13.05 -1.78 -2.47
C THR B 54 -12.15 -0.60 -2.15
N VAL B 55 -12.50 0.60 -2.62
CA VAL B 55 -11.63 1.77 -2.38
C VAL B 55 -11.64 2.17 -0.91
N ARG B 56 -12.75 1.98 -0.19
CA ARG B 56 -12.73 2.18 1.25
C ARG B 56 -11.74 1.23 1.91
N ASN B 57 -11.67 -0.01 1.42
N ASN B 57 -11.67 -0.01 1.42
CA ASN B 57 -10.68 -0.95 1.93
CA ASN B 57 -10.69 -0.96 1.93
C ASN B 57 -9.26 -0.52 1.58
C ASN B 57 -9.26 -0.55 1.57
N LEU B 58 -9.04 -0.03 0.35
CA LEU B 58 -7.70 0.46 -0.01
C LEU B 58 -7.27 1.59 0.92
N ASP B 59 -8.19 2.49 1.26
CA ASP B 59 -7.90 3.58 2.18
C ASP B 59 -7.44 3.04 3.53
N SER B 60 -8.12 2.02 4.04
CA SER B 60 -7.73 1.42 5.32
C SER B 60 -6.39 0.74 5.21
N ARG B 61 -6.17 0.00 4.12
CA ARG B 61 -4.87 -0.66 3.92
C ARG B 61 -3.75 0.37 3.86
N MET B 62 -3.99 1.50 3.20
CA MET B 62 -2.97 2.53 3.07
C MET B 62 -2.60 3.11 4.43
N ASN B 63 -3.58 3.26 5.33
CA ASN B 63 -3.27 3.69 6.69
C ASN B 63 -2.28 2.73 7.34
N GLN B 64 -2.51 1.42 7.16
CA GLN B 64 -1.62 0.42 7.76
C GLN B 64 -0.23 0.50 7.15
N LEU B 65 -0.14 0.60 5.82
CA LEU B 65 1.15 0.69 5.16
C LEU B 65 1.91 1.94 5.62
N GLU B 66 1.23 3.08 5.69
CA GLU B 66 1.89 4.31 6.08
C GLU B 66 2.47 4.19 7.49
N THR B 67 1.70 3.63 8.43
CA THR B 67 2.18 3.48 9.79
C THR B 67 3.42 2.59 9.84
N LYS B 68 3.41 1.50 9.07
CA LYS B 68 4.52 0.55 9.13
C LYS B 68 5.76 1.09 8.44
N VAL B 69 5.58 1.81 7.33
CA VAL B 69 6.73 2.42 6.67
C VAL B 69 7.35 3.50 7.56
N ASP B 70 6.52 4.27 8.26
CA ASP B 70 7.06 5.24 9.22
C ASP B 70 7.88 4.53 10.30
N ARG B 71 7.41 3.36 10.74
CA ARG B 71 8.16 2.59 11.72
C ARG B 71 9.53 2.19 11.17
N ILE B 72 9.57 1.67 9.95
CA ILE B 72 10.84 1.29 9.33
C ILE B 72 11.76 2.50 9.25
N LEU B 73 11.23 3.63 8.77
CA LEU B 73 12.05 4.81 8.53
C LEU B 73 12.69 5.30 9.83
N SER B 74 11.94 5.24 10.95
CA SER B 74 12.50 5.70 12.21
C SER B 74 13.70 4.87 12.63
N SER B 75 13.71 3.57 12.33
CA SER B 75 14.84 2.71 12.69
C SER B 75 16.11 3.05 11.93
N GLN B 76 16.05 3.92 10.92
CA GLN B 76 17.26 4.36 10.26
C GLN B 76 18.19 5.11 11.21
N SER B 77 17.65 5.59 12.34
CA SER B 77 18.51 6.14 13.38
C SER B 77 19.54 5.11 13.84
N LEU B 78 19.08 3.88 14.09
CA LEU B 78 20.00 2.81 14.45
C LEU B 78 21.16 2.74 13.45
N ILE B 79 20.84 2.79 12.16
CA ILE B 79 21.83 2.55 11.12
C ILE B 79 23.04 3.45 11.30
N GLN B 80 22.82 4.75 11.43
CA GLN B 80 23.93 5.69 11.47
C GLN B 80 24.63 5.68 12.83
N THR B 81 23.90 5.35 13.90
CA THR B 81 24.56 5.09 15.18
C THR B 81 25.56 3.95 15.05
N ILE B 82 25.12 2.82 14.48
CA ILE B 82 26.04 1.75 14.13
C ILE B 82 27.19 2.29 13.28
N LYS B 83 26.87 3.20 12.36
CA LYS B 83 27.88 3.77 11.48
C LYS B 83 28.95 4.53 12.27
N ASN B 84 28.52 5.41 13.17
CA ASN B 84 29.47 6.18 13.96
C ASN B 84 30.32 5.27 14.84
N ASP B 85 29.67 4.32 15.51
CA ASP B 85 30.41 3.43 16.41
C ASP B 85 31.46 2.64 15.67
N ILE B 86 31.13 2.12 14.49
CA ILE B 86 32.08 1.34 13.71
C ILE B 86 33.31 2.18 13.35
N VAL B 87 33.11 3.48 13.09
CA VAL B 87 34.24 4.36 12.83
C VAL B 87 35.20 4.34 14.00
N GLY B 88 34.67 4.43 15.22
CA GLY B 88 35.52 4.36 16.40
C GLY B 88 36.17 3.00 16.55
N LEU B 89 35.44 1.93 16.24
CA LEU B 89 36.01 0.59 16.33
C LEU B 89 37.17 0.41 15.36
N LYS B 90 37.05 0.98 14.16
CA LYS B 90 38.15 0.92 13.20
C LYS B 90 39.37 1.67 13.72
N ALA B 91 39.14 2.84 14.32
CA ALA B 91 40.25 3.65 14.81
C ALA B 91 40.89 3.01 16.04
N GLY B 92 40.08 2.71 17.06
CA GLY B 92 40.61 2.06 18.24
C GLY B 92 41.36 0.79 17.92
N MET B 93 40.98 0.12 16.82
CA MET B 93 41.64 -1.14 16.47
C MET B 93 42.97 -0.91 15.77
N ALA B 94 43.08 0.14 14.95
CA ALA B 94 44.39 0.53 14.44
C ALA B 94 45.36 0.79 15.58
N THR B 95 44.84 1.33 16.70
CA THR B 95 45.65 1.47 17.90
C THR B 95 46.16 0.11 18.38
N LEU B 96 45.25 -0.85 18.53
CA LEU B 96 45.65 -2.18 18.98
C LEU B 96 46.67 -2.81 18.03
N GLU B 97 46.44 -2.67 16.72
CA GLU B 97 47.40 -3.19 15.75
C GLU B 97 48.76 -2.55 15.95
N GLY B 98 48.81 -1.26 16.28
CA GLY B 98 50.08 -0.63 16.57
C GLY B 98 50.74 -1.23 17.80
N MET B 99 49.99 -1.38 18.88
CA MET B 99 50.50 -1.99 20.09
C MET B 99 50.80 -3.47 19.87
C1 GOL C . -10.58 -4.01 -19.85
O1 GOL C . -9.31 -3.44 -19.97
C2 GOL C . -10.91 -4.02 -18.33
O2 GOL C . -12.07 -4.70 -18.02
C3 GOL C . -9.66 -4.66 -17.66
O3 GOL C . -9.80 -4.47 -16.29
C1 GOL D . -22.20 -6.05 -15.71
O1 GOL D . -21.19 -7.01 -15.60
C2 GOL D . -21.75 -4.92 -16.65
O2 GOL D . -20.96 -3.98 -16.00
C3 GOL D . -21.02 -5.59 -17.81
O3 GOL D . -20.43 -4.53 -18.54
H11 GOL D . -22.43 -5.67 -14.85
H12 GOL D . -23.03 -6.43 -16.06
HO1 GOL D . -21.56 -7.77 -15.62
H2 GOL D . -22.52 -4.44 -16.97
HO2 GOL D . -20.19 -4.34 -15.84
H31 GOL D . -21.66 -6.11 -18.33
H32 GOL D . -20.38 -6.23 -17.46
HO3 GOL D . -21.06 -4.01 -18.80
C1 GOL E . -43.82 -4.84 -18.62
O1 GOL E . -44.43 -3.79 -19.28
C2 GOL E . -42.74 -4.24 -17.69
O2 GOL E . -43.11 -3.06 -17.10
C3 GOL E . -42.55 -5.39 -16.69
O3 GOL E . -41.37 -5.19 -16.01
H11 GOL E . -43.40 -5.46 -19.23
H12 GOL E . -44.44 -5.35 -18.09
HO1 GOL E . -43.87 -3.53 -19.85
H2 GOL E . -41.93 -4.00 -18.15
HO2 GOL E . -42.41 -2.60 -17.04
H31 GOL E . -42.58 -6.23 -17.17
H32 GOL E . -43.33 -5.42 -16.10
HO3 GOL E . -40.76 -5.27 -16.58
#